data_1R9F
#
_entry.id   1R9F
#
_cell.length_a   91.249
_cell.length_b   91.249
_cell.length_c   148.630
_cell.angle_alpha   90.00
_cell.angle_beta   90.00
_cell.angle_gamma   120.00
#
_symmetry.space_group_name_H-M   'H 3 2'
#
loop_
_entity.id
_entity.type
_entity.pdbx_description
1 polymer "5'-R(*CP*GP*UP*AP*CP*GP*CP*GP*GP*AP*AP*UP*AP*CP*UP*UP*CP*GP*AP*UP*U)-3'"
2 polymer "5'-R(*UP*CP*GP*AP*AP*GP*UP*AP*UP*UP*CP*CP*GP*CP*GP*UP*AP*CP*GP*UP*U)-3'"
3 polymer 'Core protein P19'
4 non-polymer 'SULFATE ION'
5 water water
#
loop_
_entity_poly.entity_id
_entity_poly.type
_entity_poly.pdbx_seq_one_letter_code
_entity_poly.pdbx_strand_id
1 'polyribonucleotide' CGUACGCGGAAUACUUCGAUU B
2 'polyribonucleotide' UCGAAGUAUUCCGCGUACGUU C
3 'polypeptide(L)'
;GSH(MSE)TSPFKLPDESPSWTEWRLHNDETNSNQDNPLGFKESWGFGKVVFKRYLRYDRTEASLHRVLGSWTGDSVNYA
ASRFFGFDQIGCTYSIRFRGVSITVSGGSRTLQHLCE(MSE)AIRSKQE(MSE)LQ(MSE)APIEVESNVSR
;
A
#
loop_
_chem_comp.id
_chem_comp.type
_chem_comp.name
_chem_comp.formula
A RNA linking ADENOSINE-5'-MONOPHOSPHATE 'C10 H14 N5 O7 P'
C RNA linking CYTIDINE-5'-MONOPHOSPHATE 'C9 H14 N3 O8 P'
G RNA linking GUANOSINE-5'-MONOPHOSPHATE 'C10 H14 N5 O8 P'
SO4 non-polymer 'SULFATE ION' 'O4 S -2'
U RNA linking URIDINE-5'-MONOPHOSPHATE 'C9 H13 N2 O9 P'
#
# COMPACT_ATOMS: atom_id res chain seq x y z
N HIS C 3 -8.11 -18.66 -3.51
CA HIS C 3 -8.40 -17.27 -3.08
C HIS C 3 -7.81 -16.99 -1.70
N MSE C 4 -6.65 -16.35 -1.68
CA MSE C 4 -6.00 -16.02 -0.42
C MSE C 4 -6.63 -14.79 0.19
O MSE C 4 -7.28 -14.01 -0.50
CB MSE C 4 -4.50 -15.77 -0.66
CG MSE C 4 -3.79 -16.96 -1.29
SE MSE C 4 -1.90 -16.66 -1.44
CE MSE C 4 -1.90 -15.65 -3.09
N THR C 5 -6.45 -14.61 1.50
CA THR C 5 -7.02 -13.46 2.19
C THR C 5 -6.08 -12.27 2.09
N SER C 6 -6.58 -11.21 1.47
CA SER C 6 -5.81 -9.98 1.28
C SER C 6 -5.78 -9.08 2.52
N PRO C 7 -4.68 -8.34 2.70
CA PRO C 7 -4.59 -7.45 3.86
C PRO C 7 -5.34 -6.15 3.56
N PHE C 8 -5.75 -5.97 2.30
CA PHE C 8 -6.47 -4.76 1.89
C PHE C 8 -7.97 -4.80 2.09
N LYS C 9 -8.54 -3.64 2.40
CA LYS C 9 -9.98 -3.53 2.64
C LYS C 9 -10.71 -2.83 1.49
N LEU C 10 -9.95 -2.38 0.50
CA LEU C 10 -10.50 -1.72 -0.68
C LEU C 10 -9.97 -2.45 -1.91
N PRO C 11 -10.76 -2.55 -2.98
CA PRO C 11 -10.30 -3.24 -4.18
C PRO C 11 -9.30 -2.41 -4.98
N ASP C 12 -8.59 -3.07 -5.88
CA ASP C 12 -7.61 -2.42 -6.73
C ASP C 12 -8.28 -1.43 -7.68
N GLU C 13 -7.57 -0.36 -8.01
CA GLU C 13 -8.12 0.66 -8.90
C GLU C 13 -7.17 1.00 -10.05
N SER C 14 -6.42 0.01 -10.51
CA SER C 14 -5.48 0.22 -11.61
C SER C 14 -6.18 0.74 -12.86
N PRO C 15 -5.69 1.83 -13.45
CA PRO C 15 -6.31 2.37 -14.65
C PRO C 15 -5.94 1.51 -15.86
N SER C 16 -6.83 1.45 -16.84
CA SER C 16 -6.55 0.68 -18.05
C SER C 16 -5.48 1.48 -18.79
N TRP C 17 -4.84 0.83 -19.76
CA TRP C 17 -3.81 1.51 -20.54
C TRP C 17 -4.42 2.74 -21.19
N THR C 18 -5.67 2.61 -21.65
CA THR C 18 -6.35 3.73 -22.29
C THR C 18 -6.60 4.90 -21.35
N GLU C 19 -7.10 4.61 -20.15
CA GLU C 19 -7.36 5.68 -19.18
C GLU C 19 -6.05 6.39 -18.84
N TRP C 20 -5.00 5.60 -18.61
CA TRP C 20 -3.69 6.14 -18.27
C TRP C 20 -3.21 7.10 -19.37
N ARG C 21 -3.34 6.66 -20.62
CA ARG C 21 -2.92 7.48 -21.76
C ARG C 21 -3.72 8.78 -21.82
N LEU C 22 -5.03 8.68 -21.59
CA LEU C 22 -5.89 9.85 -21.62
C LEU C 22 -5.48 10.84 -20.55
N HIS C 23 -5.13 10.31 -19.37
CA HIS C 23 -4.71 11.16 -18.26
C HIS C 23 -3.41 11.86 -18.61
N ASN C 24 -2.50 11.13 -19.26
CA ASN C 24 -1.21 11.69 -19.66
C ASN C 24 -1.36 12.89 -20.57
N ASP C 25 -2.25 12.78 -21.54
CA ASP C 25 -2.48 13.86 -22.49
C ASP C 25 -3.21 15.04 -21.86
N GLU C 26 -3.71 14.84 -20.65
CA GLU C 26 -4.45 15.88 -19.94
C GLU C 26 -3.56 16.68 -18.99
N THR C 27 -2.45 16.08 -18.57
CA THR C 27 -1.53 16.75 -17.66
C THR C 27 -0.22 17.11 -18.35
N GLN C 31 5.42 12.72 -14.06
CA GLN C 31 4.51 13.74 -13.55
C GLN C 31 4.32 13.67 -12.03
N ASP C 32 3.97 14.81 -11.45
CA ASP C 32 3.74 14.90 -10.01
C ASP C 32 2.24 14.91 -9.77
N ASN C 33 1.48 14.60 -10.83
CA ASN C 33 0.03 14.57 -10.74
C ASN C 33 -0.51 13.28 -11.37
N PRO C 34 -0.11 12.13 -10.83
CA PRO C 34 -0.57 10.84 -11.35
C PRO C 34 -2.01 10.58 -10.89
N LEU C 35 -2.62 9.53 -11.41
CA LEU C 35 -4.00 9.19 -11.03
C LEU C 35 -4.05 8.73 -9.59
N GLY C 36 -2.96 8.12 -9.12
CA GLY C 36 -2.92 7.65 -7.75
C GLY C 36 -1.54 7.14 -7.36
N PHE C 37 -1.51 6.23 -6.39
CA PHE C 37 -0.25 5.67 -5.92
C PHE C 37 -0.35 4.15 -5.86
N LYS C 38 0.80 3.50 -5.72
CA LYS C 38 0.87 2.06 -5.64
C LYS C 38 1.43 1.66 -4.28
N GLU C 39 0.81 0.66 -3.66
CA GLU C 39 1.28 0.18 -2.37
C GLU C 39 1.18 -1.33 -2.41
N SER C 40 1.99 -2.00 -1.60
CA SER C 40 1.95 -3.45 -1.56
C SER C 40 2.34 -3.98 -0.19
N TRP C 41 1.88 -5.20 0.10
CA TRP C 41 2.18 -5.88 1.35
C TRP C 41 2.69 -7.26 0.99
N GLY C 42 3.88 -7.60 1.48
CA GLY C 42 4.43 -8.91 1.19
C GLY C 42 4.67 -9.71 2.45
N PHE C 43 4.26 -10.98 2.43
CA PHE C 43 4.45 -11.87 3.57
C PHE C 43 5.12 -13.12 3.04
N GLY C 44 6.40 -13.29 3.36
CA GLY C 44 7.11 -14.45 2.86
C GLY C 44 7.25 -14.31 1.35
N LYS C 45 6.74 -15.30 0.62
CA LYS C 45 6.82 -15.29 -0.84
C LYS C 45 5.58 -14.71 -1.51
N VAL C 46 4.60 -14.29 -0.73
CA VAL C 46 3.38 -13.74 -1.30
C VAL C 46 3.29 -12.23 -1.18
N VAL C 47 2.85 -11.58 -2.25
CA VAL C 47 2.71 -10.14 -2.26
C VAL C 47 1.33 -9.73 -2.76
N PHE C 48 0.72 -8.76 -2.10
CA PHE C 48 -0.59 -8.25 -2.46
C PHE C 48 -0.37 -6.81 -2.88
N LYS C 49 -0.99 -6.38 -3.97
CA LYS C 49 -0.78 -5.02 -4.46
C LYS C 49 -2.05 -4.26 -4.70
N ARG C 50 -1.94 -2.93 -4.65
CA ARG C 50 -3.07 -2.04 -4.90
C ARG C 50 -2.62 -0.74 -5.51
N TYR C 51 -3.37 -0.26 -6.49
CA TYR C 51 -3.13 1.03 -7.09
C TYR C 51 -4.41 1.74 -6.64
N LEU C 52 -4.28 2.86 -5.93
CA LEU C 52 -5.46 3.58 -5.47
C LEU C 52 -5.47 5.01 -5.96
N ARG C 53 -6.63 5.48 -6.39
CA ARG C 53 -6.76 6.84 -6.88
C ARG C 53 -6.62 7.80 -5.71
N TYR C 54 -5.90 8.89 -5.91
CA TYR C 54 -5.66 9.88 -4.86
C TYR C 54 -5.51 11.27 -5.50
N ASP C 55 -6.25 12.26 -5.00
CA ASP C 55 -6.17 13.59 -5.59
C ASP C 55 -5.64 14.67 -4.66
N ARG C 56 -5.02 14.26 -3.57
CA ARG C 56 -4.42 15.17 -2.60
C ARG C 56 -5.39 15.93 -1.69
N THR C 57 -6.67 15.57 -1.73
CA THR C 57 -7.65 16.25 -0.89
C THR C 57 -7.76 15.53 0.45
N GLU C 58 -8.35 16.19 1.44
CA GLU C 58 -8.52 15.59 2.75
C GLU C 58 -9.46 14.39 2.64
N ALA C 59 -10.49 14.52 1.83
CA ALA C 59 -11.45 13.42 1.65
C ALA C 59 -10.73 12.21 1.06
N SER C 60 -9.96 12.44 0.00
CA SER C 60 -9.22 11.35 -0.66
C SER C 60 -8.19 10.70 0.25
N LEU C 61 -7.47 11.52 1.02
CA LEU C 61 -6.47 11.00 1.94
C LEU C 61 -7.13 10.09 2.97
N HIS C 62 -8.27 10.52 3.50
CA HIS C 62 -8.99 9.73 4.48
C HIS C 62 -9.40 8.39 3.86
N ARG C 63 -9.92 8.45 2.64
CA ARG C 63 -10.36 7.24 1.96
C ARG C 63 -9.24 6.22 1.77
N VAL C 64 -8.12 6.63 1.19
CA VAL C 64 -7.02 5.69 0.94
C VAL C 64 -6.28 5.21 2.19
N LEU C 65 -6.28 6.00 3.25
CA LEU C 65 -5.63 5.55 4.49
C LEU C 65 -6.44 4.39 5.06
N GLY C 66 -7.65 4.19 4.53
CA GLY C 66 -8.47 3.09 5.01
C GLY C 66 -8.28 1.81 4.20
N SER C 67 -7.33 1.79 3.28
CA SER C 67 -7.12 0.60 2.45
C SER C 67 -6.64 -0.63 3.22
N TRP C 68 -6.05 -0.39 4.39
CA TRP C 68 -5.59 -1.48 5.27
C TRP C 68 -5.38 -0.95 6.67
N THR C 69 -5.45 -1.86 7.64
CA THR C 69 -5.27 -1.53 9.05
C THR C 69 -4.33 -2.55 9.69
N GLY C 70 -3.92 -2.29 10.93
CA GLY C 70 -3.04 -3.23 11.61
C GLY C 70 -3.72 -4.58 11.70
N ASP C 71 -5.03 -4.57 11.96
CA ASP C 71 -5.80 -5.80 12.08
C ASP C 71 -5.93 -6.56 10.75
N SER C 72 -6.23 -5.85 9.67
CA SER C 72 -6.37 -6.54 8.39
C SER C 72 -5.03 -7.10 7.93
N VAL C 73 -3.94 -6.40 8.22
CA VAL C 73 -2.62 -6.88 7.83
C VAL C 73 -2.23 -8.10 8.67
N ASN C 74 -2.48 -8.04 9.97
CA ASN C 74 -2.15 -9.16 10.84
C ASN C 74 -2.93 -10.43 10.47
N TYR C 75 -4.20 -10.26 10.13
CA TYR C 75 -5.03 -11.40 9.77
C TYR C 75 -4.53 -12.04 8.48
N ALA C 76 -4.17 -11.21 7.50
CA ALA C 76 -3.67 -11.72 6.23
C ALA C 76 -2.30 -12.35 6.40
N ALA C 77 -1.44 -11.69 7.16
CA ALA C 77 -0.08 -12.16 7.39
C ALA C 77 0.02 -13.44 8.21
N SER C 78 -0.83 -13.58 9.22
CA SER C 78 -0.80 -14.76 10.09
C SER C 78 -1.00 -16.06 9.34
N ARG C 79 -1.66 -16.00 8.19
CA ARG C 79 -1.89 -17.19 7.38
C ARG C 79 -0.59 -17.83 6.93
N PHE C 80 0.47 -17.03 6.87
CA PHE C 80 1.77 -17.53 6.42
C PHE C 80 2.79 -17.78 7.54
N PHE C 81 2.38 -17.61 8.78
CA PHE C 81 3.29 -17.82 9.90
C PHE C 81 3.62 -19.30 10.14
N GLY C 82 4.84 -19.56 10.56
CA GLY C 82 5.29 -20.92 10.81
C GLY C 82 6.26 -20.97 11.97
N PHE C 83 7.03 -22.05 12.06
CA PHE C 83 8.00 -22.21 13.13
C PHE C 83 9.02 -21.07 13.08
N ASP C 84 9.60 -20.84 11.90
CA ASP C 84 10.58 -19.79 11.72
C ASP C 84 9.91 -18.46 11.37
N GLN C 85 10.63 -17.37 11.57
CA GLN C 85 10.12 -16.05 11.26
C GLN C 85 10.19 -15.85 9.75
N ILE C 86 9.25 -15.08 9.21
CA ILE C 86 9.23 -14.81 7.78
C ILE C 86 9.41 -13.31 7.53
N GLY C 87 9.87 -12.96 6.33
CA GLY C 87 10.07 -11.56 6.00
C GLY C 87 8.78 -10.88 5.59
N CYS C 88 8.53 -9.70 6.15
CA CYS C 88 7.33 -8.93 5.84
C CYS C 88 7.75 -7.58 5.30
N THR C 89 7.00 -7.07 4.33
CA THR C 89 7.33 -5.79 3.75
C THR C 89 6.13 -4.99 3.24
N TYR C 90 6.18 -3.69 3.47
CA TYR C 90 5.14 -2.79 2.99
C TYR C 90 5.88 -1.79 2.11
N SER C 91 5.36 -1.55 0.91
CA SER C 91 5.98 -0.60 0.00
C SER C 91 4.93 0.37 -0.54
N ILE C 92 5.34 1.61 -0.75
CA ILE C 92 4.44 2.60 -1.31
C ILE C 92 5.26 3.51 -2.22
N ARG C 93 4.75 3.72 -3.43
CA ARG C 93 5.42 4.59 -4.38
C ARG C 93 4.47 5.70 -4.80
N PHE C 94 4.98 6.92 -4.78
CA PHE C 94 4.17 8.08 -5.15
C PHE C 94 5.07 9.20 -5.61
N ARG C 95 4.82 9.68 -6.84
CA ARG C 95 5.58 10.77 -7.41
C ARG C 95 7.10 10.53 -7.48
N GLY C 96 7.49 9.37 -8.00
CA GLY C 96 8.91 9.07 -8.15
C GLY C 96 9.66 8.62 -6.90
N VAL C 97 9.02 8.70 -5.73
CA VAL C 97 9.67 8.27 -4.50
C VAL C 97 9.03 7.01 -3.96
N SER C 98 9.86 6.14 -3.41
CA SER C 98 9.38 4.89 -2.85
C SER C 98 9.87 4.70 -1.42
N ILE C 99 8.99 4.21 -0.56
CA ILE C 99 9.35 3.94 0.82
C ILE C 99 8.97 2.50 1.08
N THR C 100 9.88 1.75 1.68
CA THR C 100 9.64 0.36 1.99
C THR C 100 9.96 0.12 3.45
N VAL C 101 9.03 -0.50 4.16
CA VAL C 101 9.22 -0.81 5.57
C VAL C 101 9.31 -2.33 5.61
N SER C 102 10.42 -2.86 6.12
CA SER C 102 10.59 -4.31 6.16
C SER C 102 11.11 -4.81 7.51
N GLY C 103 10.86 -6.10 7.76
CA GLY C 103 11.29 -6.71 9.00
C GLY C 103 10.74 -8.12 9.14
N GLY C 104 11.10 -8.80 10.22
CA GLY C 104 10.61 -10.14 10.44
C GLY C 104 9.19 -10.12 10.96
N SER C 105 8.45 -11.21 10.77
CA SER C 105 7.08 -11.30 11.20
C SER C 105 6.87 -11.04 12.69
N ARG C 106 7.91 -11.22 13.50
CA ARG C 106 7.77 -10.97 14.93
C ARG C 106 7.64 -9.49 15.24
N THR C 107 8.02 -8.64 14.29
CA THR C 107 7.95 -7.19 14.50
C THR C 107 6.80 -6.57 13.72
N LEU C 108 5.90 -7.40 13.19
CA LEU C 108 4.79 -6.91 12.39
C LEU C 108 4.04 -5.73 12.99
N GLN C 109 3.79 -5.76 14.30
CA GLN C 109 3.08 -4.66 14.95
C GLN C 109 3.81 -3.33 14.71
N HIS C 110 5.11 -3.31 14.99
CA HIS C 110 5.91 -2.09 14.79
C HIS C 110 5.99 -1.77 13.30
N LEU C 111 6.11 -2.81 12.48
CA LEU C 111 6.19 -2.61 11.03
C LEU C 111 4.96 -1.85 10.55
N CYS C 112 3.79 -2.26 11.02
CA CYS C 112 2.54 -1.60 10.62
C CYS C 112 2.47 -0.16 11.10
N GLU C 113 2.99 0.10 12.30
CA GLU C 113 2.97 1.46 12.85
C GLU C 113 3.83 2.36 11.98
N MSE C 114 5.00 1.87 11.60
CA MSE C 114 5.91 2.63 10.75
C MSE C 114 5.32 2.75 9.35
O MSE C 114 5.46 3.79 8.69
CB MSE C 114 7.28 1.94 10.66
CG MSE C 114 8.09 2.02 11.94
SE MSE C 114 8.39 3.86 12.46
CE MSE C 114 7.16 3.94 13.95
N ALA C 115 4.67 1.69 8.88
CA ALA C 115 4.09 1.70 7.55
C ALA C 115 3.00 2.75 7.40
N ILE C 116 2.08 2.80 8.35
CA ILE C 116 0.98 3.76 8.25
C ILE C 116 1.49 5.20 8.35
N ARG C 117 2.55 5.41 9.14
CA ARG C 117 3.10 6.75 9.27
C ARG C 117 3.81 7.16 7.99
N SER C 118 4.52 6.23 7.37
CA SER C 118 5.22 6.50 6.12
C SER C 118 4.21 6.80 5.03
N LYS C 119 3.11 6.07 5.04
CA LYS C 119 2.05 6.26 4.04
C LYS C 119 1.49 7.67 4.14
N GLN C 120 1.14 8.09 5.36
CA GLN C 120 0.58 9.41 5.58
C GLN C 120 1.56 10.50 5.15
N GLU C 121 2.83 10.35 5.52
CA GLU C 121 3.83 11.35 5.15
C GLU C 121 4.04 11.40 3.65
N MSE C 122 4.04 10.23 3.02
CA MSE C 122 4.24 10.13 1.58
C MSE C 122 3.14 10.85 0.82
O MSE C 122 3.40 11.61 -0.12
CB MSE C 122 4.27 8.65 1.17
CG MSE C 122 4.59 8.43 -0.30
SE MSE C 122 6.50 8.62 -0.65
CE MSE C 122 6.86 6.78 -1.13
N LEU C 123 1.90 10.62 1.22
CA LEU C 123 0.75 11.22 0.56
C LEU C 123 0.58 12.70 0.87
N GLN C 124 1.20 13.16 1.95
CA GLN C 124 1.10 14.57 2.32
C GLN C 124 2.40 15.30 2.00
N MSE C 125 3.04 14.87 0.91
CA MSE C 125 4.30 15.48 0.46
C MSE C 125 3.96 16.64 -0.47
O MSE C 125 3.20 16.46 -1.44
CB MSE C 125 5.14 14.43 -0.27
CG MSE C 125 6.45 14.96 -0.84
SE MSE C 125 7.56 13.58 -1.66
CE MSE C 125 6.71 13.50 -3.40
N ALA C 126 4.49 17.82 -0.19
CA ALA C 126 4.23 18.99 -1.00
C ALA C 126 4.88 18.89 -2.37
S SO4 D . -5.97 -9.42 -3.50
O1 SO4 D . -5.06 -8.49 -2.82
O2 SO4 D . -5.79 -10.79 -2.96
O3 SO4 D . -5.67 -9.41 -4.95
O4 SO4 D . -7.36 -8.98 -3.28
S SO4 E . -10.67 0.06 -21.57
O1 SO4 E . -9.55 -0.83 -21.90
O2 SO4 E . -11.49 -0.57 -20.51
O3 SO4 E . -11.51 0.27 -22.78
O4 SO4 E . -10.16 1.35 -21.09
#